data_5GIZ
#
_entry.id   5GIZ
#
_cell.length_a   45.983
_cell.length_b   46.443
_cell.length_c   222.292
_cell.angle_alpha   90.000
_cell.angle_beta   90.000
_cell.angle_gamma   90.000
#
_symmetry.space_group_name_H-M   'P 2 2 21'
#
loop_
_entity.id
_entity.type
_entity.pdbx_description
1 polymer 'Putative hemin transport system, substrate-binding protein'
2 non-polymer 'SULFATE ION'
3 non-polymer 'CHLORIDE ION'
4 water water
#
_entity_poly.entity_id   1
_entity_poly.type   'polypeptide(L)'
_entity_poly.pdbx_seq_one_letter_code
;GPLGSKRVIVIGGALAETAFALGGAETPRYRLVGADTTCTYPDAAKRLPKVGYQRALSAEGLLSLRPDLVLASAEAGPPT
AIAQVKGAGVTVTTFDERHDVESVRAKITGVAQALDVRDAGAALLQRFDRDWQAARDAVAARVPGGAQPPRVLFVLNHTG
TQALVAGQRTAADAMIRYAGARNAMQGFDHYKPLTTEALAAAAPDVVLISDEGLAAVGGHAALLATPGFGATPAGRARRV
VSLDALFLLGFGPRLPLAVTTLHRRLSDALA
;
_entity_poly.pdbx_strand_id   A,B
#
# COMPACT_ATOMS: atom_id res chain seq x y z
N GLY A 1 0.20 -0.79 35.91
CA GLY A 1 0.49 -0.22 37.24
C GLY A 1 -0.70 0.47 37.89
N PRO A 2 -0.46 1.13 39.04
CA PRO A 2 -1.51 1.82 39.79
C PRO A 2 -2.21 2.96 39.02
N LEU A 3 -1.56 3.47 37.97
CA LEU A 3 -2.18 4.52 37.16
C LEU A 3 -3.31 3.99 36.28
N GLY A 4 -3.38 2.67 36.12
CA GLY A 4 -4.37 2.07 35.24
C GLY A 4 -4.05 2.40 33.79
N SER A 5 -5.10 2.50 32.99
CA SER A 5 -4.98 2.88 31.58
C SER A 5 -4.38 4.28 31.43
N LYS A 6 -3.46 4.43 30.48
CA LYS A 6 -2.76 5.66 30.28
C LYS A 6 -3.28 6.38 29.04
N ARG A 7 -3.47 7.68 29.16
CA ARG A 7 -3.71 8.55 28.00
C ARG A 7 -2.35 8.87 27.38
N VAL A 8 -2.20 8.52 26.08
CA VAL A 8 -0.95 8.67 25.37
C VAL A 8 -1.04 9.66 24.23
N ILE A 9 -0.04 10.52 24.08
CA ILE A 9 0.16 11.36 22.92
C ILE A 9 1.41 10.89 22.17
N VAL A 10 1.33 10.89 20.84
CA VAL A 10 2.45 10.39 20.04
CA VAL A 10 2.43 10.39 20.01
C VAL A 10 2.85 11.49 19.07
N ILE A 11 4.14 11.72 18.98
CA ILE A 11 4.73 12.72 18.10
C ILE A 11 5.60 12.00 17.12
N GLY A 12 5.26 12.03 15.84
CA GLY A 12 6.00 11.39 14.80
C GLY A 12 5.17 10.30 14.15
N GLY A 13 4.88 10.48 12.88
CA GLY A 13 4.00 9.58 12.18
C GLY A 13 4.33 8.09 12.29
N ALA A 14 5.60 7.75 12.21
CA ALA A 14 5.97 6.37 12.35
C ALA A 14 5.75 5.82 13.71
N LEU A 15 5.92 6.65 14.76
CA LEU A 15 5.62 6.24 16.12
C LEU A 15 4.16 5.97 16.30
N ALA A 16 3.29 6.81 15.69
CA ALA A 16 1.89 6.56 15.77
C ALA A 16 1.52 5.27 15.05
N GLU A 17 2.11 5.05 13.86
CA GLU A 17 1.90 3.80 13.17
C GLU A 17 2.30 2.62 14.03
N THR A 18 3.44 2.74 14.70
CA THR A 18 3.90 1.65 15.55
C THR A 18 2.91 1.37 16.67
N ALA A 19 2.48 2.43 17.34
CA ALA A 19 1.51 2.25 18.39
C ALA A 19 0.24 1.60 17.90
N PHE A 20 -0.32 2.09 16.80
CA PHE A 20 -1.55 1.50 16.33
C PHE A 20 -1.33 0.07 15.90
N ALA A 21 -0.15 -0.27 15.35
CA ALA A 21 0.14 -1.61 14.84
C ALA A 21 0.22 -2.67 15.95
N LEU A 22 0.45 -2.23 17.17
CA LEU A 22 0.50 -3.13 18.32
C LEU A 22 -0.88 -3.61 18.79
N GLY A 23 -1.92 -2.84 18.55
CA GLY A 23 -3.30 -3.31 18.82
C GLY A 23 -4.35 -2.23 18.97
N GLY A 24 -4.47 -1.35 17.98
CA GLY A 24 -5.59 -0.41 17.94
C GLY A 24 -5.54 0.85 18.79
N ALA A 25 -6.64 1.59 18.70
CA ALA A 25 -6.74 2.95 19.24
C ALA A 25 -6.67 3.03 20.76
N GLU A 26 -7.39 2.08 21.37
CA GLU A 26 -7.38 1.85 22.80
C GLU A 26 -7.43 0.36 23.18
N THR A 27 -6.57 0.02 24.13
CA THR A 27 -6.44 -1.34 24.64
C THR A 27 -6.73 -1.29 26.13
N PRO A 28 -6.53 -2.40 26.85
CA PRO A 28 -6.69 -2.23 28.29
C PRO A 28 -5.62 -1.31 28.91
N ARG A 29 -4.40 -1.27 28.35
CA ARG A 29 -3.30 -0.57 28.99
C ARG A 29 -3.18 0.91 28.61
N TYR A 30 -3.80 1.33 27.51
CA TYR A 30 -3.58 2.70 27.04
C TYR A 30 -4.59 3.10 25.97
N ARG A 31 -4.74 4.40 25.78
CA ARG A 31 -5.53 4.97 24.71
C ARG A 31 -4.77 6.13 24.12
N LEU A 32 -4.64 6.18 22.79
CA LEU A 32 -4.00 7.28 22.12
CA LEU A 32 -4.00 7.31 22.14
C LEU A 32 -5.04 8.41 22.02
N VAL A 33 -4.66 9.61 22.45
CA VAL A 33 -5.60 10.74 22.55
C VAL A 33 -5.18 11.99 21.78
N GLY A 34 -3.96 12.03 21.25
CA GLY A 34 -3.49 13.19 20.54
C GLY A 34 -2.20 12.83 19.82
N ALA A 35 -1.84 13.68 18.88
CA ALA A 35 -0.64 13.52 18.02
C ALA A 35 -0.25 14.83 17.40
N ASP A 36 0.88 14.81 16.71
CA ASP A 36 1.24 15.95 15.85
C ASP A 36 0.65 15.73 14.46
N THR A 37 0.76 16.75 13.62
CA THR A 37 0.14 16.69 12.29
C THR A 37 0.68 15.68 11.34
N THR A 38 1.87 15.15 11.59
CA THR A 38 2.44 14.13 10.71
C THR A 38 1.80 12.76 10.88
N CYS A 39 0.95 12.60 11.90
CA CYS A 39 0.36 11.30 12.18
C CYS A 39 -0.94 11.15 11.46
N THR A 40 -0.84 10.71 10.20
CA THR A 40 -1.96 10.59 9.30
C THR A 40 -2.34 9.18 8.93
N TYR A 41 -1.62 8.18 9.43
CA TYR A 41 -1.82 6.77 9.13
C TYR A 41 -1.77 5.93 10.39
N PRO A 42 -2.64 4.93 10.56
CA PRO A 42 -3.80 4.59 9.74
C PRO A 42 -4.96 5.55 10.01
N ASP A 43 -6.18 5.18 9.64
CA ASP A 43 -7.32 6.12 9.85
C ASP A 43 -7.51 6.54 11.31
N ALA A 44 -7.18 5.65 12.25
CA ALA A 44 -7.25 5.98 13.67
C ALA A 44 -6.31 7.11 14.08
N ALA A 45 -5.17 7.24 13.38
CA ALA A 45 -4.22 8.30 13.68
C ALA A 45 -4.72 9.62 13.15
N LYS A 46 -5.21 9.57 11.92
CA LYS A 46 -5.74 10.74 11.26
C LYS A 46 -6.85 11.44 12.09
N ARG A 47 -7.70 10.64 12.74
CA ARG A 47 -8.74 11.03 13.71
C ARG A 47 -8.28 11.75 15.00
N LEU A 48 -7.07 11.51 15.47
CA LEU A 48 -6.63 12.04 16.76
C LEU A 48 -6.55 13.57 16.64
N PRO A 49 -7.01 14.30 17.67
CA PRO A 49 -6.74 15.74 17.70
C PRO A 49 -5.24 16.01 17.61
N LYS A 50 -4.85 17.07 16.92
CA LYS A 50 -3.45 17.35 16.67
C LYS A 50 -3.04 18.59 17.43
N VAL A 51 -1.79 18.55 17.90
CA VAL A 51 -1.23 19.61 18.74
C VAL A 51 -0.01 20.28 18.15
N GLY A 52 -0.03 20.48 16.85
CA GLY A 52 0.97 21.21 16.14
C GLY A 52 1.76 20.33 15.22
N TYR A 53 2.51 20.98 14.34
CA TYR A 53 3.48 20.24 13.54
CA TYR A 53 3.53 20.33 13.53
C TYR A 53 4.57 19.73 14.49
N GLN A 54 5.18 18.60 14.15
CA GLN A 54 6.11 17.90 15.06
C GLN A 54 7.27 18.77 15.56
N ARG A 55 7.75 19.71 14.74
CA ARG A 55 8.82 20.63 15.16
CA ARG A 55 8.80 20.66 15.14
C ARG A 55 8.30 21.98 15.73
N ALA A 56 6.99 22.15 15.80
CA ALA A 56 6.38 23.39 16.30
C ALA A 56 5.19 23.04 17.19
N LEU A 57 5.43 22.24 18.21
CA LEU A 57 4.36 21.73 19.07
C LEU A 57 3.78 22.82 19.93
N SER A 58 2.47 22.76 20.20
CA SER A 58 1.86 23.58 21.21
C SER A 58 1.86 22.84 22.54
N ALA A 59 2.72 23.26 23.46
CA ALA A 59 2.79 22.58 24.72
C ALA A 59 1.45 22.69 25.48
N GLU A 60 0.83 23.88 25.43
CA GLU A 60 -0.44 24.08 26.07
C GLU A 60 -1.52 23.22 25.47
N GLY A 61 -1.55 23.14 24.16
CA GLY A 61 -2.53 22.28 23.47
C GLY A 61 -2.35 20.83 23.82
N LEU A 62 -1.09 20.41 23.77
CA LEU A 62 -0.74 19.06 24.16
C LEU A 62 -1.17 18.74 25.59
N LEU A 63 -0.82 19.63 26.53
CA LEU A 63 -1.20 19.40 27.93
C LEU A 63 -2.67 19.44 28.14
N SER A 64 -3.41 20.20 27.33
CA SER A 64 -4.86 20.24 27.49
C SER A 64 -5.53 18.90 27.23
N LEU A 65 -4.83 17.99 26.57
CA LEU A 65 -5.32 16.68 26.35
C LEU A 65 -5.01 15.71 27.51
N ARG A 66 -4.48 16.24 28.60
CA ARG A 66 -4.21 15.45 29.80
C ARG A 66 -3.45 14.15 29.58
N PRO A 67 -2.29 14.23 28.93
CA PRO A 67 -1.55 12.98 28.74
C PRO A 67 -0.95 12.46 30.02
N ASP A 68 -0.83 11.13 30.12
CA ASP A 68 0.02 10.48 31.09
C ASP A 68 1.41 10.17 30.53
N LEU A 69 1.48 10.07 29.20
CA LEU A 69 2.75 9.70 28.53
C LEU A 69 2.77 10.30 27.15
N VAL A 70 3.94 10.76 26.71
CA VAL A 70 4.20 11.22 25.37
C VAL A 70 5.33 10.35 24.80
N LEU A 71 5.09 9.75 23.65
CA LEU A 71 6.10 9.09 22.87
C LEU A 71 6.52 10.03 21.80
N ALA A 72 7.79 10.42 21.81
CA ALA A 72 8.27 11.47 20.94
C ALA A 72 9.38 11.06 20.04
N SER A 73 9.24 11.41 18.78
CA SER A 73 10.27 11.11 17.81
C SER A 73 11.45 12.04 18.08
N ALA A 74 12.54 11.70 17.41
CA ALA A 74 13.76 12.48 17.46
C ALA A 74 13.52 13.93 17.00
N GLU A 75 12.56 14.11 16.11
CA GLU A 75 12.26 15.40 15.49
C GLU A 75 11.33 16.30 16.33
N ALA A 76 10.72 15.76 17.38
CA ALA A 76 9.74 16.51 18.20
C ALA A 76 10.35 17.74 18.87
N GLY A 77 9.69 18.89 18.78
CA GLY A 77 10.17 20.14 19.32
C GLY A 77 9.18 21.26 19.18
N PRO A 78 9.57 22.50 19.52
CA PRO A 78 10.96 22.87 19.82
C PRO A 78 11.33 22.47 21.23
N PRO A 79 12.61 22.61 21.57
CA PRO A 79 12.99 22.26 22.92
C PRO A 79 12.20 22.93 24.07
N THR A 80 11.81 24.20 23.94
CA THR A 80 11.05 24.86 24.99
CA THR A 80 11.04 24.88 24.97
C THR A 80 9.68 24.21 25.20
N ALA A 81 9.07 23.72 24.12
CA ALA A 81 7.76 23.05 24.23
C ALA A 81 7.93 21.70 24.96
N ILE A 82 8.93 20.91 24.58
CA ILE A 82 9.18 19.64 25.27
C ILE A 82 9.46 19.91 26.74
N ALA A 83 10.25 20.93 27.01
CA ALA A 83 10.59 21.23 28.38
C ALA A 83 9.34 21.61 29.20
N GLN A 84 8.43 22.39 28.61
CA GLN A 84 7.19 22.76 29.30
C GLN A 84 6.34 21.51 29.62
N VAL A 85 6.32 20.54 28.71
CA VAL A 85 5.53 19.31 28.95
C VAL A 85 6.11 18.46 30.07
N LYS A 86 7.43 18.30 30.06
CA LYS A 86 8.11 17.58 31.10
C LYS A 86 7.93 18.31 32.43
N GLY A 87 7.98 19.64 32.41
CA GLY A 87 7.83 20.43 33.61
C GLY A 87 6.46 20.37 34.26
N ALA A 88 5.46 19.94 33.50
CA ALA A 88 4.09 19.74 34.02
C ALA A 88 3.92 18.34 34.62
N GLY A 89 4.98 17.56 34.59
CA GLY A 89 5.00 16.24 35.21
C GLY A 89 4.67 15.10 34.30
N VAL A 90 4.62 15.38 32.99
CA VAL A 90 4.30 14.34 32.01
C VAL A 90 5.60 13.65 31.61
N THR A 91 5.56 12.33 31.56
CA THR A 91 6.66 11.51 31.08
C THR A 91 6.75 11.65 29.57
N VAL A 92 7.95 11.93 29.07
CA VAL A 92 8.18 12.05 27.67
C VAL A 92 9.32 11.07 27.36
N THR A 93 9.05 10.09 26.53
CA THR A 93 10.04 9.09 26.14
C THR A 93 10.36 9.35 24.69
N THR A 94 11.65 9.56 24.43
CA THR A 94 12.12 9.99 23.15
C THR A 94 12.82 8.85 22.42
N PHE A 95 12.60 8.76 21.12
CA PHE A 95 13.15 7.68 20.29
C PHE A 95 14.23 8.23 19.39
N ASP A 96 15.12 7.37 18.93
CA ASP A 96 16.14 7.81 17.97
C ASP A 96 15.66 7.51 16.56
N GLU A 97 16.32 8.12 15.61
CA GLU A 97 16.08 7.92 14.20
C GLU A 97 17.43 7.80 13.51
N ARG A 98 17.71 6.61 12.98
CA ARG A 98 18.93 6.38 12.25
C ARG A 98 18.73 5.99 10.79
N HIS A 99 17.48 6.04 10.36
CA HIS A 99 17.18 5.70 8.95
C HIS A 99 17.69 4.36 8.49
N ASP A 100 17.46 3.36 9.31
CA ASP A 100 17.73 2.02 8.95
C ASP A 100 16.73 1.05 9.59
N VAL A 101 16.76 -0.19 9.14
CA VAL A 101 15.81 -1.16 9.60
C VAL A 101 15.99 -1.42 11.09
N GLU A 102 17.23 -1.40 11.61
CA GLU A 102 17.36 -1.63 13.05
C GLU A 102 16.67 -0.55 13.85
N SER A 103 16.74 0.68 13.39
CA SER A 103 16.12 1.80 14.06
C SER A 103 14.57 1.60 14.12
N VAL A 104 13.97 0.96 13.11
CA VAL A 104 12.54 0.73 13.12
C VAL A 104 12.26 -0.35 14.15
N ARG A 105 13.10 -1.40 14.13
CA ARG A 105 12.92 -2.48 15.12
CA ARG A 105 12.97 -2.51 15.11
C ARG A 105 12.99 -1.95 16.55
N ALA A 106 13.84 -0.94 16.79
CA ALA A 106 13.93 -0.31 18.11
C ALA A 106 12.69 0.51 18.44
N LYS A 107 12.05 1.09 17.45
CA LYS A 107 10.77 1.77 17.66
C LYS A 107 9.71 0.73 18.07
N ILE A 108 9.71 -0.42 17.39
CA ILE A 108 8.72 -1.45 17.74
C ILE A 108 8.89 -1.90 19.20
N THR A 109 10.10 -2.28 19.56
CA THR A 109 10.30 -2.81 20.89
C THR A 109 10.20 -1.70 21.94
N GLY A 110 10.70 -0.52 21.62
CA GLY A 110 10.67 0.63 22.52
C GLY A 110 9.26 1.15 22.82
N VAL A 111 8.45 1.29 21.77
CA VAL A 111 7.10 1.74 21.97
C VAL A 111 6.35 0.63 22.75
N ALA A 112 6.57 -0.66 22.40
CA ALA A 112 5.85 -1.72 23.12
C ALA A 112 6.22 -1.74 24.63
N GLN A 113 7.50 -1.49 24.92
CA GLN A 113 7.95 -1.36 26.31
C GLN A 113 7.26 -0.20 27.02
N ALA A 114 7.26 0.98 26.39
CA ALA A 114 6.71 2.19 26.99
C ALA A 114 5.23 2.00 27.30
N LEU A 115 4.54 1.24 26.45
CA LEU A 115 3.09 1.00 26.54
C LEU A 115 2.72 -0.25 27.37
N ASP A 116 3.74 -0.92 27.88
CA ASP A 116 3.61 -2.13 28.69
C ASP A 116 2.85 -3.20 27.95
N VAL A 117 3.20 -3.35 26.66
CA VAL A 117 2.67 -4.45 25.87
C VAL A 117 3.80 -5.23 25.21
N ARG A 118 4.68 -5.80 26.03
CA ARG A 118 5.82 -6.59 25.53
C ARG A 118 5.41 -7.70 24.54
N ASP A 119 4.40 -8.50 24.86
CA ASP A 119 3.98 -9.60 23.98
C ASP A 119 3.54 -9.12 22.57
N ALA A 120 2.73 -8.07 22.53
CA ALA A 120 2.31 -7.45 21.27
C ALA A 120 3.56 -6.99 20.50
N GLY A 121 4.50 -6.38 21.21
CA GLY A 121 5.77 -5.98 20.58
C GLY A 121 6.53 -7.14 19.93
N ALA A 122 6.63 -8.22 20.68
CA ALA A 122 7.32 -9.33 20.13
C ALA A 122 6.61 -9.93 18.90
N ALA A 123 5.27 -9.92 18.90
CA ALA A 123 4.52 -10.45 17.76
C ALA A 123 4.69 -9.56 16.54
N LEU A 124 4.58 -8.26 16.77
CA LEU A 124 4.77 -7.29 15.68
C LEU A 124 6.19 -7.40 15.11
N LEU A 125 7.19 -7.56 15.98
CA LEU A 125 8.57 -7.66 15.51
C LEU A 125 8.78 -8.90 14.64
N GLN A 126 8.18 -10.01 15.04
N GLN A 126 8.18 -10.02 15.06
CA GLN A 126 8.31 -11.22 14.29
CA GLN A 126 8.23 -11.27 14.30
C GLN A 126 7.68 -11.07 12.89
C GLN A 126 7.68 -11.07 12.89
N ARG A 127 6.52 -10.42 12.80
CA ARG A 127 5.87 -10.17 11.49
C ARG A 127 6.71 -9.25 10.63
N PHE A 128 7.14 -8.14 11.23
CA PHE A 128 7.98 -7.18 10.58
C PHE A 128 9.23 -7.85 10.00
N ASP A 129 9.90 -8.68 10.82
CA ASP A 129 11.13 -9.33 10.38
C ASP A 129 10.93 -10.30 9.24
N ARG A 130 9.78 -11.01 9.24
CA ARG A 130 9.44 -11.89 8.13
C ARG A 130 9.20 -11.06 6.88
N ASP A 131 8.42 -10.01 7.03
CA ASP A 131 8.18 -9.16 5.88
C ASP A 131 9.45 -8.51 5.35
N TRP A 132 10.31 -8.09 6.27
CA TRP A 132 11.57 -7.50 5.85
C TRP A 132 12.44 -8.47 5.02
N GLN A 133 12.56 -9.70 5.48
CA GLN A 133 13.31 -10.66 4.70
C GLN A 133 12.73 -10.84 3.29
N ALA A 134 11.42 -10.90 3.18
CA ALA A 134 10.73 -10.99 1.89
C ALA A 134 11.04 -9.79 1.03
N ALA A 135 11.03 -8.59 1.61
CA ALA A 135 11.35 -7.38 0.85
C ALA A 135 12.81 -7.41 0.36
N ARG A 136 13.73 -7.82 1.23
CA ARG A 136 15.13 -8.00 0.84
C ARG A 136 15.23 -8.93 -0.37
N ASP A 137 14.52 -10.06 -0.28
CA ASP A 137 14.46 -11.05 -1.38
C ASP A 137 13.91 -10.48 -2.65
N ALA A 138 12.84 -9.69 -2.55
CA ALA A 138 12.22 -9.08 -3.74
C ALA A 138 13.21 -8.12 -4.44
N VAL A 139 13.91 -7.31 -3.66
CA VAL A 139 14.87 -6.34 -4.18
C VAL A 139 16.07 -7.06 -4.82
N ALA A 140 16.56 -8.08 -4.14
CA ALA A 140 17.73 -8.82 -4.59
C ALA A 140 17.48 -9.58 -5.91
N ALA A 141 16.20 -9.88 -6.20
CA ALA A 141 15.85 -10.71 -7.35
C ALA A 141 16.24 -10.00 -8.64
N ARG A 142 16.05 -8.68 -8.68
CA ARG A 142 16.36 -7.95 -9.86
C ARG A 142 16.57 -6.46 -9.57
N VAL A 143 17.68 -5.95 -10.08
CA VAL A 143 18.01 -4.53 -9.94
C VAL A 143 17.07 -3.76 -10.87
N PRO A 144 16.45 -2.69 -10.38
CA PRO A 144 15.65 -1.83 -11.27
C PRO A 144 16.47 -1.41 -12.49
N GLY A 145 15.93 -1.64 -13.70
CA GLY A 145 16.67 -1.40 -14.92
C GLY A 145 17.50 -2.51 -15.46
N GLY A 146 17.70 -3.53 -14.63
CA GLY A 146 18.35 -4.79 -15.04
C GLY A 146 19.84 -4.77 -15.19
N ALA A 147 20.51 -3.74 -14.69
CA ALA A 147 21.95 -3.61 -14.85
C ALA A 147 22.52 -3.21 -13.49
N GLN A 148 23.26 -2.11 -13.42
CA GLN A 148 23.80 -1.72 -12.13
C GLN A 148 22.81 -0.79 -11.43
N PRO A 149 22.99 -0.58 -10.14
CA PRO A 149 22.05 0.26 -9.42
C PRO A 149 21.80 1.61 -10.10
N PRO A 150 20.54 1.95 -10.41
CA PRO A 150 20.30 3.21 -11.10
C PRO A 150 20.43 4.44 -10.16
N ARG A 151 20.67 5.61 -10.75
CA ARG A 151 20.83 6.84 -9.97
C ARG A 151 19.50 7.51 -9.77
N VAL A 152 19.12 7.75 -8.53
CA VAL A 152 17.83 8.34 -8.21
C VAL A 152 18.04 9.63 -7.45
N LEU A 153 17.38 10.72 -7.91
CA LEU A 153 17.37 12.02 -7.24
C LEU A 153 16.07 12.09 -6.47
N PHE A 154 16.15 12.37 -5.18
CA PHE A 154 15.00 12.67 -4.35
C PHE A 154 14.82 14.15 -4.11
N VAL A 155 13.72 14.65 -4.60
CA VAL A 155 13.26 16.01 -4.36
C VAL A 155 12.28 16.03 -3.21
N LEU A 156 12.62 16.81 -2.17
CA LEU A 156 11.69 17.03 -1.07
C LEU A 156 10.66 18.09 -1.45
N ASN A 157 11.14 19.22 -1.93
CA ASN A 157 10.31 20.35 -2.25
C ASN A 157 11.07 21.32 -3.15
N HIS A 158 10.40 22.43 -3.50
CA HIS A 158 10.97 23.47 -4.33
C HIS A 158 10.77 24.78 -3.62
N THR A 159 11.74 25.69 -3.78
CA THR A 159 11.50 27.11 -3.54
C THR A 159 11.68 27.80 -4.88
N GLY A 160 10.57 28.21 -5.51
CA GLY A 160 10.64 28.75 -6.86
C GLY A 160 11.13 27.67 -7.82
N THR A 161 12.08 28.03 -8.65
CA THR A 161 12.63 27.10 -9.64
C THR A 161 13.71 26.17 -9.06
N GLN A 162 14.01 26.26 -7.76
CA GLN A 162 15.08 25.46 -7.15
C GLN A 162 14.58 24.32 -6.27
N ALA A 163 14.99 23.09 -6.63
CA ALA A 163 14.59 21.94 -5.85
C ALA A 163 15.48 21.79 -4.63
N LEU A 164 14.90 21.33 -3.53
CA LEU A 164 15.65 20.93 -2.34
C LEU A 164 15.79 19.39 -2.38
N VAL A 165 17.03 18.89 -2.34
CA VAL A 165 17.29 17.47 -2.61
C VAL A 165 18.05 16.80 -1.48
N ALA A 166 17.88 15.48 -1.36
CA ALA A 166 18.45 14.69 -0.28
C ALA A 166 19.84 14.16 -0.61
N GLY A 167 20.77 14.46 0.29
CA GLY A 167 22.09 13.86 0.27
C GLY A 167 22.12 12.68 1.22
N GLN A 168 23.29 12.43 1.82
CA GLN A 168 23.41 11.33 2.74
C GLN A 168 22.81 11.67 4.12
N ARG A 169 22.72 10.64 4.97
CA ARG A 169 22.16 10.76 6.33
C ARG A 169 20.72 11.22 6.27
N THR A 170 20.03 10.84 5.19
CA THR A 170 18.59 11.15 5.04
C THR A 170 17.78 9.84 4.91
N ALA A 171 16.48 9.97 5.20
CA ALA A 171 15.55 8.85 5.00
C ALA A 171 15.56 8.46 3.53
N ALA A 172 15.49 9.46 2.64
CA ALA A 172 15.43 9.19 1.22
C ALA A 172 16.67 8.43 0.72
N ASP A 173 17.86 8.83 1.16
CA ASP A 173 19.10 8.13 0.77
C ASP A 173 19.00 6.63 1.16
N ALA A 174 18.54 6.36 2.37
CA ALA A 174 18.41 5.01 2.85
C ALA A 174 17.39 4.22 2.04
N MET A 175 16.28 4.86 1.73
CA MET A 175 15.23 4.16 0.98
C MET A 175 15.65 3.81 -0.46
N ILE A 176 16.34 4.74 -1.07
CA ILE A 176 16.86 4.55 -2.42
C ILE A 176 17.81 3.35 -2.42
N ARG A 177 18.72 3.30 -1.43
CA ARG A 177 19.61 2.15 -1.34
C ARG A 177 18.93 0.85 -0.97
N TYR A 178 17.93 0.86 -0.10
CA TYR A 178 17.20 -0.36 0.20
C TYR A 178 16.47 -0.94 -1.04
N ALA A 179 16.04 -0.05 -1.92
CA ALA A 179 15.35 -0.46 -3.12
C ALA A 179 16.28 -0.87 -4.24
N GLY A 180 17.58 -0.98 -3.99
CA GLY A 180 18.52 -1.49 -4.99
C GLY A 180 19.06 -0.42 -5.89
N ALA A 181 18.90 0.84 -5.53
CA ALA A 181 19.36 1.95 -6.33
C ALA A 181 20.48 2.73 -5.62
N ARG A 182 20.94 3.80 -6.24
CA ARG A 182 22.00 4.67 -5.69
CA ARG A 182 21.94 4.65 -5.60
C ARG A 182 21.51 6.11 -5.64
N ASN A 183 21.84 6.84 -4.61
CA ASN A 183 21.51 8.25 -4.56
C ASN A 183 22.32 9.01 -5.60
N ALA A 184 21.63 9.71 -6.47
CA ALA A 184 22.31 10.48 -7.54
C ALA A 184 23.12 11.62 -6.91
N MET A 185 22.66 12.13 -5.78
CA MET A 185 23.38 13.13 -5.02
C MET A 185 24.38 12.49 -4.04
N GLN A 186 25.65 12.92 -4.13
CA GLN A 186 26.73 12.44 -3.27
C GLN A 186 27.57 13.60 -2.81
N GLY A 187 28.18 13.44 -1.64
CA GLY A 187 29.18 14.40 -1.17
C GLY A 187 28.73 15.40 -0.13
N PHE A 188 27.48 15.31 0.33
CA PHE A 188 27.01 16.13 1.41
C PHE A 188 25.93 15.38 2.17
N ASP A 189 25.67 15.82 3.40
CA ASP A 189 24.61 15.28 4.24
C ASP A 189 23.40 16.20 4.25
N HIS A 190 22.25 15.59 4.56
CA HIS A 190 20.99 16.27 4.75
C HIS A 190 20.51 16.85 3.46
N TYR A 191 19.69 17.88 3.54
CA TYR A 191 19.08 18.47 2.34
C TYR A 191 19.86 19.69 1.92
N LYS A 192 19.98 19.94 0.61
CA LYS A 192 20.59 21.16 0.12
C LYS A 192 19.88 21.60 -1.16
N PRO A 193 19.78 22.93 -1.40
CA PRO A 193 19.26 23.43 -2.69
C PRO A 193 20.10 22.94 -3.84
N LEU A 194 19.42 22.44 -4.87
CA LEU A 194 20.06 21.86 -6.02
C LEU A 194 20.44 22.91 -7.04
N THR A 195 21.72 22.96 -7.37
CA THR A 195 22.20 23.87 -8.41
C THR A 195 22.20 23.08 -9.71
N THR A 196 22.01 23.78 -10.83
CA THR A 196 21.93 23.10 -12.13
C THR A 196 23.24 22.35 -12.42
N GLU A 197 24.34 22.87 -11.91
CA GLU A 197 25.65 22.19 -11.96
C GLU A 197 25.66 20.88 -11.19
N ALA A 198 25.24 20.93 -9.93
CA ALA A 198 25.14 19.72 -9.10
C ALA A 198 24.23 18.71 -9.80
N LEU A 199 23.16 19.21 -10.38
CA LEU A 199 22.16 18.37 -11.07
C LEU A 199 22.76 17.69 -12.31
N ALA A 200 23.46 18.44 -13.15
CA ALA A 200 24.07 17.84 -14.34
C ALA A 200 25.04 16.72 -13.93
N ALA A 201 25.87 17.00 -12.93
CA ALA A 201 26.81 15.98 -12.39
C ALA A 201 26.10 14.75 -11.80
N ALA A 202 24.97 15.01 -11.15
CA ALA A 202 24.25 13.94 -10.47
C ALA A 202 23.63 12.98 -11.47
N ALA A 203 23.26 13.51 -12.63
CA ALA A 203 22.78 12.72 -13.80
C ALA A 203 21.78 11.62 -13.38
N PRO A 204 20.69 12.06 -12.75
CA PRO A 204 19.73 11.06 -12.30
C PRO A 204 19.06 10.32 -13.44
N ASP A 205 18.83 9.02 -13.25
CA ASP A 205 18.03 8.18 -14.11
C ASP A 205 16.55 8.25 -13.79
N VAL A 206 16.20 8.54 -12.55
CA VAL A 206 14.80 8.68 -12.12
C VAL A 206 14.72 9.82 -11.15
N VAL A 207 13.68 10.62 -11.23
CA VAL A 207 13.39 11.58 -10.19
C VAL A 207 12.28 11.02 -9.30
N LEU A 208 12.56 10.96 -8.01
CA LEU A 208 11.67 10.49 -6.99
C LEU A 208 11.22 11.72 -6.20
N ILE A 209 9.94 11.77 -5.91
CA ILE A 209 9.34 12.91 -5.21
C ILE A 209 8.16 12.40 -4.41
N SER A 210 7.84 13.05 -3.31
CA SER A 210 6.63 12.71 -2.61
C SER A 210 5.40 13.21 -3.38
N ASP A 211 4.27 12.58 -3.09
CA ASP A 211 2.99 13.06 -3.61
C ASP A 211 2.81 14.52 -3.30
N GLU A 212 3.14 14.91 -2.05
CA GLU A 212 2.99 16.28 -1.62
C GLU A 212 3.88 17.24 -2.39
N GLY A 213 5.14 16.85 -2.60
CA GLY A 213 6.06 17.67 -3.38
C GLY A 213 5.65 17.80 -4.81
N LEU A 214 5.12 16.71 -5.40
CA LEU A 214 4.65 16.75 -6.77
C LEU A 214 3.47 17.72 -6.92
N ALA A 215 2.55 17.65 -5.95
CA ALA A 215 1.41 18.57 -5.95
C ALA A 215 1.91 19.99 -5.81
N ALA A 216 2.85 20.21 -4.90
CA ALA A 216 3.32 21.59 -4.65
C ALA A 216 3.94 22.24 -5.89
N VAL A 217 4.69 21.49 -6.68
CA VAL A 217 5.37 22.04 -7.87
C VAL A 217 4.41 22.15 -9.05
N GLY A 218 3.25 21.53 -8.96
CA GLY A 218 2.27 21.64 -10.03
C GLY A 218 2.04 20.44 -10.92
N GLY A 219 2.63 19.30 -10.54
CA GLY A 219 2.49 18.09 -11.33
C GLY A 219 3.71 17.67 -12.14
N HIS A 220 3.54 16.61 -12.92
CA HIS A 220 4.67 15.98 -13.60
C HIS A 220 5.36 16.87 -14.61
N ALA A 221 4.56 17.52 -15.45
CA ALA A 221 5.14 18.39 -16.52
C ALA A 221 5.89 19.57 -15.86
N ALA A 222 5.27 20.15 -14.84
CA ALA A 222 5.90 21.21 -14.08
C ALA A 222 7.24 20.82 -13.46
N LEU A 223 7.26 19.64 -12.86
CA LEU A 223 8.47 19.14 -12.28
C LEU A 223 9.56 18.99 -13.36
N LEU A 224 9.20 18.43 -14.50
CA LEU A 224 10.19 18.11 -15.56
C LEU A 224 10.69 19.38 -16.26
N ALA A 225 9.91 20.45 -16.15
CA ALA A 225 10.30 21.75 -16.67
C ALA A 225 11.15 22.58 -15.70
N THR A 226 11.29 22.15 -14.47
CA THR A 226 12.24 22.73 -13.51
C THR A 226 13.60 22.93 -14.22
N PRO A 227 14.23 24.11 -14.07
CA PRO A 227 15.49 24.34 -14.80
C PRO A 227 16.48 23.24 -14.56
N GLY A 228 16.98 22.67 -15.67
CA GLY A 228 18.01 21.68 -15.61
C GLY A 228 17.49 20.26 -15.67
N PHE A 229 16.21 20.03 -15.34
CA PHE A 229 15.70 18.65 -15.25
C PHE A 229 15.57 18.00 -16.59
N GLY A 230 15.19 18.76 -17.62
CA GLY A 230 15.06 18.18 -18.97
C GLY A 230 16.31 17.53 -19.48
N ALA A 231 17.45 18.17 -19.25
CA ALA A 231 18.71 17.71 -19.77
C ALA A 231 19.40 16.79 -18.79
N THR A 232 18.71 15.74 -18.41
CA THR A 232 19.25 14.67 -17.58
C THR A 232 18.68 13.38 -18.15
N PRO A 233 19.24 12.23 -17.75
CA PRO A 233 18.65 11.00 -18.28
C PRO A 233 17.18 10.85 -17.93
N ALA A 234 16.83 11.18 -16.67
CA ALA A 234 15.46 11.12 -16.20
C ALA A 234 14.60 12.07 -16.99
N GLY A 235 15.12 13.28 -17.27
CA GLY A 235 14.32 14.24 -18.05
C GLY A 235 14.05 13.84 -19.49
N ARG A 236 15.04 13.26 -20.13
CA ARG A 236 14.94 12.82 -21.48
C ARG A 236 13.95 11.68 -21.61
N ALA A 237 13.90 10.81 -20.58
CA ALA A 237 12.99 9.69 -20.55
C ALA A 237 11.68 10.03 -19.82
N ARG A 238 11.57 11.23 -19.29
CA ARG A 238 10.42 11.68 -18.53
C ARG A 238 10.08 10.70 -17.43
N ARG A 239 11.10 10.35 -16.64
CA ARG A 239 11.01 9.26 -15.65
C ARG A 239 10.89 9.77 -14.21
N VAL A 240 9.66 9.75 -13.74
CA VAL A 240 9.26 10.27 -12.44
C VAL A 240 8.54 9.19 -11.67
N VAL A 241 8.86 9.07 -10.37
CA VAL A 241 8.14 8.21 -9.45
C VAL A 241 7.69 9.04 -8.27
N SER A 242 6.41 8.94 -7.94
CA SER A 242 5.88 9.57 -6.72
C SER A 242 5.45 8.52 -5.72
N LEU A 243 5.51 8.86 -4.43
CA LEU A 243 4.95 8.09 -3.38
CA LEU A 243 4.98 8.08 -3.34
C LEU A 243 4.57 9.04 -2.23
N ASP A 244 3.59 8.64 -1.46
CA ASP A 244 3.22 9.39 -0.26
C ASP A 244 4.36 9.60 0.69
N ALA A 245 4.56 10.81 1.21
CA ALA A 245 5.75 11.11 1.98
C ALA A 245 5.86 10.25 3.25
N LEU A 246 4.80 10.12 4.03
CA LEU A 246 4.89 9.35 5.26
C LEU A 246 5.23 7.88 5.00
N PHE A 247 4.60 7.32 4.00
CA PHE A 247 4.82 5.93 3.63
C PHE A 247 6.26 5.77 3.15
N LEU A 248 6.71 6.65 2.26
CA LEU A 248 8.07 6.52 1.71
C LEU A 248 9.14 6.72 2.78
N LEU A 249 9.01 7.79 3.58
CA LEU A 249 10.14 8.31 4.37
C LEU A 249 10.04 8.02 5.86
N GLY A 250 8.91 7.50 6.33
CA GLY A 250 8.63 7.47 7.75
C GLY A 250 9.48 6.55 8.60
N PHE A 251 10.01 5.48 8.01
CA PHE A 251 10.78 4.49 8.80
C PHE A 251 9.93 3.95 9.96
N GLY A 252 8.81 3.35 9.61
CA GLY A 252 7.94 2.70 10.54
C GLY A 252 7.60 1.25 10.19
N PRO A 253 6.51 0.72 10.77
CA PRO A 253 6.25 -0.70 10.61
C PRO A 253 5.94 -1.13 9.19
N ARG A 254 5.68 -0.17 8.30
CA ARG A 254 5.47 -0.49 6.87
C ARG A 254 6.71 -0.47 6.04
N LEU A 255 7.87 -0.38 6.70
CA LEU A 255 9.13 -0.29 5.96
C LEU A 255 9.25 -1.39 4.86
N PRO A 256 8.97 -2.65 5.19
CA PRO A 256 9.11 -3.70 4.17
C PRO A 256 8.24 -3.46 2.94
N LEU A 257 7.02 -3.02 3.15
CA LEU A 257 6.14 -2.69 2.03
C LEU A 257 6.56 -1.46 1.31
N ALA A 258 7.03 -0.46 2.04
CA ALA A 258 7.53 0.75 1.42
C ALA A 258 8.74 0.47 0.50
N VAL A 259 9.69 -0.32 0.99
CA VAL A 259 10.84 -0.69 0.17
C VAL A 259 10.39 -1.56 -1.04
N THR A 260 9.47 -2.51 -0.86
CA THR A 260 9.00 -3.29 -1.97
C THR A 260 8.31 -2.39 -3.00
N THR A 261 7.56 -1.40 -2.53
CA THR A 261 6.83 -0.52 -3.40
C THR A 261 7.73 0.40 -4.15
N LEU A 262 8.71 0.98 -3.45
CA LEU A 262 9.69 1.80 -4.16
C LEU A 262 10.44 0.99 -5.25
N HIS A 263 10.86 -0.22 -4.90
CA HIS A 263 11.58 -1.06 -5.84
C HIS A 263 10.66 -1.41 -7.07
N ARG A 264 9.39 -1.68 -6.83
CA ARG A 264 8.47 -1.96 -7.93
C ARG A 264 8.38 -0.74 -8.82
N ARG A 265 8.17 0.42 -8.21
CA ARG A 265 8.00 1.64 -8.99
C ARG A 265 9.22 2.06 -9.79
N LEU A 266 10.37 1.86 -9.20
CA LEU A 266 11.61 2.19 -9.91
C LEU A 266 11.79 1.17 -11.05
N SER A 267 11.45 -0.09 -10.79
CA SER A 267 11.57 -1.15 -11.77
C SER A 267 10.65 -0.94 -12.97
N ASP A 268 9.40 -0.52 -12.70
CA ASP A 268 8.48 -0.19 -13.77
C ASP A 268 9.04 0.99 -14.56
N ALA A 269 9.53 2.00 -13.84
CA ALA A 269 10.00 3.20 -14.49
C ALA A 269 11.18 2.93 -15.42
N LEU A 270 11.99 1.94 -15.06
CA LEU A 270 13.16 1.56 -15.84
C LEU A 270 12.97 0.27 -16.64
N ALA A 271 11.74 0.01 -17.03
CA ALA A 271 11.42 -1.20 -17.74
C ALA A 271 12.32 -1.33 -18.98
N GLY B 4 -21.09 -18.33 21.88
CA GLY B 4 -20.39 -19.12 20.84
C GLY B 4 -19.51 -18.31 19.91
N SER B 5 -18.20 -18.55 19.97
CA SER B 5 -17.31 -18.14 18.88
C SER B 5 -17.54 -19.12 17.72
N LYS B 6 -17.77 -18.59 16.54
CA LYS B 6 -18.00 -19.41 15.37
C LYS B 6 -16.70 -19.58 14.61
N ARG B 7 -16.39 -20.84 14.27
CA ARG B 7 -15.23 -21.14 13.45
C ARG B 7 -15.64 -20.86 12.00
N VAL B 8 -14.87 -20.03 11.30
CA VAL B 8 -15.29 -19.64 9.93
C VAL B 8 -14.24 -20.00 8.90
N ILE B 9 -14.69 -20.55 7.76
CA ILE B 9 -13.84 -20.69 6.60
C ILE B 9 -14.31 -19.70 5.56
N VAL B 10 -13.34 -19.07 4.90
CA VAL B 10 -13.67 -18.08 3.86
CA VAL B 10 -13.66 -18.09 3.86
C VAL B 10 -13.11 -18.55 2.51
N ILE B 11 -13.95 -18.53 1.48
CA ILE B 11 -13.59 -18.88 0.12
C ILE B 11 -13.74 -17.64 -0.74
N GLY B 12 -12.61 -17.08 -1.17
CA GLY B 12 -12.61 -15.87 -1.96
C GLY B 12 -11.85 -14.76 -1.29
N GLY B 13 -10.80 -14.31 -1.97
CA GLY B 13 -9.86 -13.38 -1.35
C GLY B 13 -10.43 -12.06 -0.87
N ALA B 14 -11.35 -11.48 -1.64
CA ALA B 14 -12.02 -10.26 -1.21
C ALA B 14 -12.94 -10.48 -0.03
N LEU B 15 -13.58 -11.64 0.05
CA LEU B 15 -14.35 -11.95 1.23
C LEU B 15 -13.46 -12.07 2.49
N ALA B 16 -12.28 -12.70 2.35
CA ALA B 16 -11.36 -12.76 3.48
C ALA B 16 -10.90 -11.39 3.91
N GLU B 17 -10.54 -10.57 2.93
CA GLU B 17 -10.17 -9.21 3.26
C GLU B 17 -11.28 -8.53 4.01
N THR B 18 -12.51 -8.69 3.51
CA THR B 18 -13.68 -8.09 4.21
C THR B 18 -13.80 -8.57 5.66
N ALA B 19 -13.70 -9.86 5.84
CA ALA B 19 -13.82 -10.39 7.20
C ALA B 19 -12.76 -9.86 8.12
N PHE B 20 -11.51 -9.84 7.67
CA PHE B 20 -10.42 -9.33 8.52
C PHE B 20 -10.52 -7.82 8.72
N ALA B 21 -11.04 -7.09 7.74
CA ALA B 21 -11.18 -5.62 7.87
C ALA B 21 -12.23 -5.21 8.90
N LEU B 22 -13.14 -6.12 9.26
CA LEU B 22 -14.20 -5.78 10.21
C LEU B 22 -13.70 -5.58 11.62
N GLY B 23 -12.82 -6.46 12.10
CA GLY B 23 -12.33 -6.34 13.47
C GLY B 23 -10.90 -6.73 13.72
N GLY B 24 -10.22 -7.16 12.67
CA GLY B 24 -8.91 -7.79 12.81
C GLY B 24 -9.04 -9.28 13.02
N ALA B 25 -7.97 -9.89 13.54
CA ALA B 25 -7.86 -11.34 13.67
C ALA B 25 -8.40 -11.86 15.01
N GLU B 26 -8.29 -11.07 16.08
CA GLU B 26 -8.75 -11.46 17.43
C GLU B 26 -10.05 -10.73 17.80
N THR B 27 -11.17 -11.43 17.64
CA THR B 27 -12.53 -10.89 17.78
C THR B 27 -13.43 -11.95 18.43
N PRO B 28 -14.23 -11.58 19.44
CA PRO B 28 -14.89 -12.63 20.25
C PRO B 28 -16.02 -13.47 19.61
N ARG B 29 -16.69 -12.98 18.59
CA ARG B 29 -17.82 -13.72 18.02
C ARG B 29 -17.42 -14.68 16.90
N TYR B 30 -16.16 -14.62 16.46
CA TYR B 30 -15.71 -15.55 15.43
C TYR B 30 -14.19 -15.66 15.35
N ARG B 31 -13.75 -16.78 14.77
CA ARG B 31 -12.37 -16.99 14.45
C ARG B 31 -12.32 -17.58 13.05
N LEU B 32 -11.56 -16.94 12.15
CA LEU B 32 -11.32 -17.54 10.85
CA LEU B 32 -11.28 -17.50 10.84
C LEU B 32 -10.25 -18.62 11.01
N VAL B 33 -10.54 -19.79 10.50
CA VAL B 33 -9.71 -20.97 10.72
C VAL B 33 -9.14 -21.60 9.42
N GLY B 34 -9.61 -21.14 8.27
CA GLY B 34 -9.16 -21.68 7.00
C GLY B 34 -9.72 -20.84 5.88
N ALA B 35 -9.11 -21.02 4.72
CA ALA B 35 -9.44 -20.24 3.51
C ALA B 35 -8.93 -20.90 2.24
N ASP B 36 -9.44 -20.51 1.09
CA ASP B 36 -8.87 -21.01 -0.15
C ASP B 36 -7.59 -20.28 -0.49
N THR B 37 -6.88 -20.77 -1.51
CA THR B 37 -5.55 -20.26 -1.86
C THR B 37 -5.53 -18.79 -2.27
N THR B 38 -6.66 -18.18 -2.65
CA THR B 38 -6.66 -16.75 -3.03
C THR B 38 -6.59 -15.80 -1.85
N CYS B 39 -6.73 -16.30 -0.64
CA CYS B 39 -6.84 -15.46 0.54
C CYS B 39 -5.46 -15.15 1.12
N THR B 40 -4.81 -14.16 0.54
CA THR B 40 -3.42 -13.84 0.91
C THR B 40 -3.27 -12.49 1.62
N TYR B 41 -4.34 -11.74 1.82
CA TYR B 41 -4.28 -10.45 2.45
C TYR B 41 -5.41 -10.34 3.45
N PRO B 42 -5.14 -9.74 4.61
CA PRO B 42 -3.85 -9.27 5.14
C PRO B 42 -3.00 -10.44 5.62
N ASP B 43 -1.93 -10.16 6.37
CA ASP B 43 -1.07 -11.23 6.75
CA ASP B 43 -1.06 -11.19 6.94
C ASP B 43 -1.80 -12.36 7.53
N ALA B 44 -2.78 -11.99 8.34
CA ALA B 44 -3.59 -12.92 9.08
C ALA B 44 -4.25 -13.92 8.12
N ALA B 45 -4.69 -13.49 6.95
CA ALA B 45 -5.22 -14.41 5.96
C ALA B 45 -4.16 -15.32 5.37
N LYS B 46 -3.03 -14.69 5.02
CA LYS B 46 -1.95 -15.40 4.40
C LYS B 46 -1.56 -16.54 5.28
N ARG B 47 -1.63 -16.36 6.59
N ARG B 47 -1.62 -16.32 6.59
CA ARG B 47 -1.15 -17.40 7.47
CA ARG B 47 -1.17 -17.30 7.57
C ARG B 47 -2.17 -18.45 7.87
C ARG B 47 -2.16 -18.45 7.82
N LEU B 48 -3.46 -18.29 7.50
CA LEU B 48 -4.48 -19.37 7.64
C LEU B 48 -4.13 -20.65 6.86
N PRO B 49 -4.55 -21.82 7.38
CA PRO B 49 -4.48 -23.05 6.61
C PRO B 49 -5.35 -22.89 5.38
N LYS B 50 -4.87 -23.46 4.28
CA LYS B 50 -5.54 -23.31 3.02
C LYS B 50 -6.22 -24.63 2.64
N VAL B 51 -7.41 -24.50 2.08
CA VAL B 51 -8.20 -25.65 1.72
C VAL B 51 -8.38 -25.80 0.19
N GLY B 52 -7.42 -25.29 -0.54
CA GLY B 52 -7.29 -25.67 -1.96
C GLY B 52 -7.88 -24.57 -2.80
N TYR B 53 -8.01 -24.88 -4.07
CA TYR B 53 -8.44 -23.94 -5.07
C TYR B 53 -9.95 -23.84 -4.97
N GLN B 54 -10.44 -22.63 -5.13
CA GLN B 54 -11.84 -22.35 -4.82
C GLN B 54 -12.84 -23.14 -5.63
N ARG B 55 -12.51 -23.56 -6.86
CA ARG B 55 -13.44 -24.39 -7.64
C ARG B 55 -13.21 -25.91 -7.46
N ALA B 56 -12.20 -26.29 -6.67
CA ALA B 56 -11.85 -27.71 -6.47
C ALA B 56 -11.67 -28.01 -5.00
N LEU B 57 -12.66 -27.65 -4.23
CA LEU B 57 -12.55 -27.83 -2.79
C LEU B 57 -12.87 -29.29 -2.42
N SER B 58 -12.24 -29.78 -1.34
CA SER B 58 -12.48 -31.09 -0.75
C SER B 58 -13.42 -30.89 0.43
N ALA B 59 -14.57 -31.54 0.38
CA ALA B 59 -15.47 -31.50 1.51
C ALA B 59 -14.82 -32.00 2.73
N GLU B 60 -14.15 -33.17 2.61
CA GLU B 60 -13.51 -33.76 3.75
C GLU B 60 -12.41 -32.84 4.32
N GLY B 61 -11.61 -32.20 3.48
CA GLY B 61 -10.61 -31.27 3.94
C GLY B 61 -11.13 -30.06 4.65
N LEU B 62 -12.13 -29.45 4.06
CA LEU B 62 -12.76 -28.31 4.67
CA LEU B 62 -12.81 -28.32 4.70
C LEU B 62 -13.38 -28.74 6.04
N LEU B 63 -14.07 -29.87 6.04
CA LEU B 63 -14.70 -30.28 7.28
C LEU B 63 -13.75 -30.69 8.38
N SER B 64 -12.51 -31.03 8.03
CA SER B 64 -11.52 -31.39 8.99
C SER B 64 -11.19 -30.20 9.90
N LEU B 65 -11.48 -28.99 9.47
CA LEU B 65 -11.30 -27.79 10.29
C LEU B 65 -12.51 -27.45 11.19
N ARG B 66 -13.54 -28.28 11.07
CA ARG B 66 -14.75 -28.16 11.89
C ARG B 66 -15.32 -26.74 11.88
N PRO B 67 -15.62 -26.24 10.69
CA PRO B 67 -16.23 -24.91 10.65
C PRO B 67 -17.66 -24.92 11.14
N ASP B 68 -18.07 -23.77 11.64
CA ASP B 68 -19.49 -23.49 11.87
C ASP B 68 -20.14 -22.78 10.68
N LEU B 69 -19.34 -22.04 9.92
CA LEU B 69 -19.83 -21.15 8.88
C LEU B 69 -18.77 -21.04 7.79
N VAL B 70 -19.22 -21.09 6.54
CA VAL B 70 -18.42 -20.84 5.38
C VAL B 70 -18.97 -19.61 4.67
N LEU B 71 -18.12 -18.64 4.41
CA LEU B 71 -18.44 -17.48 3.61
C LEU B 71 -17.84 -17.79 2.27
N ALA B 72 -18.67 -17.90 1.25
CA ALA B 72 -18.24 -18.44 -0.02
C ALA B 72 -18.55 -17.54 -1.19
N SER B 73 -17.58 -17.44 -2.08
CA SER B 73 -17.76 -16.86 -3.38
C SER B 73 -18.70 -17.72 -4.23
N ALA B 74 -19.21 -17.17 -5.31
CA ALA B 74 -20.06 -17.90 -6.24
C ALA B 74 -19.28 -19.01 -6.95
N GLU B 75 -17.97 -18.84 -7.06
CA GLU B 75 -17.08 -19.81 -7.70
C GLU B 75 -16.79 -21.02 -6.82
N ALA B 76 -17.05 -20.91 -5.52
CA ALA B 76 -16.76 -21.98 -4.59
C ALA B 76 -17.48 -23.28 -5.02
N GLY B 77 -16.71 -24.35 -5.19
CA GLY B 77 -17.29 -25.64 -5.59
C GLY B 77 -16.24 -26.72 -5.51
N PRO B 78 -16.49 -27.93 -6.05
CA PRO B 78 -17.61 -28.20 -6.96
C PRO B 78 -18.92 -28.30 -6.20
N PRO B 79 -20.04 -28.30 -6.93
CA PRO B 79 -21.33 -28.33 -6.26
C PRO B 79 -21.50 -29.47 -5.30
N THR B 80 -21.02 -30.67 -5.65
CA THR B 80 -21.12 -31.81 -4.75
C THR B 80 -20.43 -31.61 -3.39
N ALA B 81 -19.32 -30.89 -3.41
CA ALA B 81 -18.55 -30.64 -2.19
C ALA B 81 -19.31 -29.65 -1.33
N ILE B 82 -19.83 -28.61 -1.95
CA ILE B 82 -20.60 -27.62 -1.20
C ILE B 82 -21.84 -28.24 -0.55
N ALA B 83 -22.50 -29.13 -1.28
CA ALA B 83 -23.62 -29.90 -0.74
C ALA B 83 -23.28 -30.75 0.49
N GLN B 84 -22.14 -31.45 0.45
CA GLN B 84 -21.72 -32.28 1.56
C GLN B 84 -21.40 -31.43 2.78
N VAL B 85 -20.80 -30.27 2.56
CA VAL B 85 -20.50 -29.38 3.65
C VAL B 85 -21.82 -28.91 4.30
N LYS B 86 -22.78 -28.46 3.49
CA LYS B 86 -24.08 -28.04 4.02
C LYS B 86 -24.74 -29.23 4.72
N GLY B 87 -24.58 -30.43 4.12
CA GLY B 87 -25.15 -31.65 4.68
C GLY B 87 -24.64 -32.01 6.07
N ALA B 88 -23.41 -31.59 6.37
CA ALA B 88 -22.80 -31.87 7.67
C ALA B 88 -23.20 -30.86 8.74
N GLY B 89 -24.12 -29.95 8.42
CA GLY B 89 -24.64 -28.97 9.38
C GLY B 89 -23.96 -27.62 9.38
N VAL B 90 -23.07 -27.41 8.41
CA VAL B 90 -22.32 -26.18 8.33
C VAL B 90 -23.13 -25.12 7.57
N THR B 91 -23.25 -23.91 8.12
CA THR B 91 -23.89 -22.84 7.37
C THR B 91 -22.96 -22.41 6.23
N VAL B 92 -23.47 -22.37 5.00
CA VAL B 92 -22.74 -21.88 3.85
C VAL B 92 -23.51 -20.70 3.29
N THR B 93 -22.89 -19.52 3.35
CA THR B 93 -23.50 -18.29 2.88
C THR B 93 -22.70 -17.80 1.66
N THR B 94 -23.39 -17.65 0.53
CA THR B 94 -22.76 -17.35 -0.72
C THR B 94 -22.97 -15.86 -1.08
N PHE B 95 -21.90 -15.25 -1.57
CA PHE B 95 -21.91 -13.86 -1.94
C PHE B 95 -21.73 -13.67 -3.43
N ASP B 96 -22.61 -12.82 -3.98
CA ASP B 96 -22.56 -12.32 -5.37
CA ASP B 96 -22.46 -12.41 -5.35
C ASP B 96 -21.38 -11.36 -5.41
N GLU B 97 -20.43 -11.57 -6.31
CA GLU B 97 -19.38 -10.62 -6.45
C GLU B 97 -19.28 -10.19 -7.88
N ARG B 98 -19.31 -8.90 -8.13
CA ARG B 98 -19.15 -8.34 -9.45
C ARG B 98 -18.17 -7.21 -9.39
N HIS B 99 -17.76 -6.74 -10.55
CA HIS B 99 -16.65 -5.77 -10.68
C HIS B 99 -17.15 -4.35 -10.60
N ASP B 100 -17.75 -4.05 -9.46
CA ASP B 100 -18.29 -2.71 -9.24
C ASP B 100 -18.33 -2.38 -7.74
N VAL B 101 -18.46 -1.08 -7.44
CA VAL B 101 -18.45 -0.65 -6.06
C VAL B 101 -19.66 -1.10 -5.26
N GLU B 102 -20.84 -1.13 -5.85
CA GLU B 102 -22.03 -1.50 -5.05
C GLU B 102 -21.92 -2.94 -4.58
N SER B 103 -21.37 -3.82 -5.42
CA SER B 103 -21.14 -5.21 -5.00
C SER B 103 -20.23 -5.30 -3.79
N VAL B 104 -19.19 -4.44 -3.75
CA VAL B 104 -18.27 -4.45 -2.61
C VAL B 104 -19.00 -3.90 -1.38
N ARG B 105 -19.77 -2.83 -1.55
CA ARG B 105 -20.53 -2.29 -0.43
C ARG B 105 -21.46 -3.32 0.18
N ALA B 106 -22.15 -4.04 -0.69
CA ALA B 106 -23.13 -5.02 -0.20
C ALA B 106 -22.45 -6.14 0.50
N LYS B 107 -21.26 -6.57 0.06
CA LYS B 107 -20.59 -7.65 0.80
C LYS B 107 -19.96 -7.21 2.10
N ILE B 108 -19.61 -5.92 2.24
CA ILE B 108 -19.21 -5.42 3.53
C ILE B 108 -20.34 -5.67 4.50
N THR B 109 -21.55 -5.21 4.17
CA THR B 109 -22.67 -5.38 5.08
CA THR B 109 -22.74 -5.38 5.02
C THR B 109 -23.09 -6.87 5.19
N GLY B 110 -23.07 -7.58 4.08
CA GLY B 110 -23.43 -9.01 4.09
C GLY B 110 -22.49 -9.90 4.93
N VAL B 111 -21.17 -9.67 4.83
CA VAL B 111 -20.22 -10.44 5.63
C VAL B 111 -20.37 -10.03 7.09
N ALA B 112 -20.56 -8.75 7.37
CA ALA B 112 -20.71 -8.28 8.75
C ALA B 112 -21.94 -8.91 9.38
N GLN B 113 -23.02 -9.00 8.62
CA GLN B 113 -24.24 -9.66 9.13
C GLN B 113 -23.99 -11.16 9.42
N ALA B 114 -23.33 -11.83 8.50
CA ALA B 114 -23.03 -13.25 8.69
C ALA B 114 -22.20 -13.52 9.90
N LEU B 115 -21.30 -12.58 10.20
CA LEU B 115 -20.37 -12.73 11.32
C LEU B 115 -20.95 -12.13 12.63
N ASP B 116 -22.16 -11.58 12.53
CA ASP B 116 -22.90 -11.00 13.66
C ASP B 116 -22.12 -9.83 14.23
N VAL B 117 -21.55 -8.98 13.35
CA VAL B 117 -20.88 -7.76 13.77
C VAL B 117 -21.42 -6.55 12.96
N ARG B 118 -22.73 -6.30 13.06
CA ARG B 118 -23.36 -5.27 12.25
C ARG B 118 -22.78 -3.87 12.45
N ASP B 119 -22.50 -3.50 13.70
CA ASP B 119 -21.91 -2.21 14.01
C ASP B 119 -20.56 -2.02 13.29
N ALA B 120 -19.71 -3.03 13.39
CA ALA B 120 -18.41 -3.01 12.72
C ALA B 120 -18.59 -2.85 11.21
N GLY B 121 -19.60 -3.52 10.68
CA GLY B 121 -19.91 -3.42 9.25
C GLY B 121 -20.27 -1.99 8.88
N ALA B 122 -21.09 -1.33 9.70
CA ALA B 122 -21.53 0.00 9.39
C ALA B 122 -20.34 0.95 9.40
N ALA B 123 -19.45 0.75 10.37
CA ALA B 123 -18.26 1.61 10.47
C ALA B 123 -17.35 1.44 9.27
N LEU B 124 -17.13 0.18 8.88
CA LEU B 124 -16.25 -0.08 7.75
C LEU B 124 -16.82 0.50 6.47
N LEU B 125 -18.14 0.34 6.30
CA LEU B 125 -18.78 0.89 5.11
C LEU B 125 -18.72 2.43 5.07
N GLN B 126 -18.91 3.04 6.23
CA GLN B 126 -18.75 4.48 6.31
C GLN B 126 -17.34 4.93 5.88
N ARG B 127 -16.29 4.25 6.38
CA ARG B 127 -14.88 4.51 5.96
C ARG B 127 -14.73 4.31 4.45
N PHE B 128 -15.19 3.15 3.99
CA PHE B 128 -15.13 2.81 2.59
C PHE B 128 -15.79 3.90 1.73
N ASP B 129 -16.99 4.29 2.11
CA ASP B 129 -17.72 5.26 1.30
C ASP B 129 -17.02 6.61 1.24
N ARG B 130 -16.49 7.06 2.39
CA ARG B 130 -15.72 8.29 2.44
CA ARG B 130 -15.68 8.28 2.46
C ARG B 130 -14.48 8.19 1.53
N ASP B 131 -13.75 7.09 1.63
CA ASP B 131 -12.59 6.89 0.83
C ASP B 131 -12.92 6.78 -0.64
N TRP B 132 -14.04 6.13 -0.97
CA TRP B 132 -14.48 6.06 -2.36
C TRP B 132 -14.78 7.44 -2.95
N GLN B 133 -15.47 8.29 -2.21
CA GLN B 133 -15.65 9.63 -2.68
C GLN B 133 -14.35 10.36 -2.94
N ALA B 134 -13.39 10.20 -2.04
CA ALA B 134 -12.11 10.87 -2.26
C ALA B 134 -11.39 10.28 -3.48
N ALA B 135 -11.51 8.99 -3.72
CA ALA B 135 -10.88 8.35 -4.86
C ALA B 135 -11.49 8.84 -6.15
N ARG B 136 -12.83 8.85 -6.20
CA ARG B 136 -13.55 9.38 -7.35
C ARG B 136 -13.15 10.83 -7.67
N ASP B 137 -13.04 11.65 -6.64
CA ASP B 137 -12.58 13.04 -6.80
C ASP B 137 -11.17 13.11 -7.36
N ALA B 138 -10.28 12.30 -6.81
CA ALA B 138 -8.89 12.31 -7.22
C ALA B 138 -8.74 11.94 -8.70
N VAL B 139 -9.50 10.96 -9.17
CA VAL B 139 -9.43 10.50 -10.58
C VAL B 139 -10.02 11.61 -11.46
N ALA B 140 -11.14 12.19 -11.01
CA ALA B 140 -11.82 13.24 -11.78
C ALA B 140 -10.99 14.50 -11.88
N ALA B 141 -10.00 14.70 -11.01
CA ALA B 141 -9.20 15.92 -11.00
C ALA B 141 -8.36 16.08 -12.24
N ARG B 142 -7.97 14.94 -12.85
CA ARG B 142 -7.05 14.96 -13.94
C ARG B 142 -7.05 13.61 -14.66
N VAL B 143 -7.14 13.66 -15.97
CA VAL B 143 -6.92 12.46 -16.80
C VAL B 143 -5.45 12.09 -16.68
N PRO B 144 -5.13 10.80 -16.41
CA PRO B 144 -3.70 10.49 -16.44
C PRO B 144 -3.02 10.78 -17.76
N GLY B 145 -1.86 11.46 -17.70
CA GLY B 145 -1.18 11.97 -18.87
C GLY B 145 -1.60 13.38 -19.27
N GLY B 146 -2.70 13.88 -18.71
CA GLY B 146 -3.10 15.30 -18.90
C GLY B 146 -3.76 15.66 -20.22
N ALA B 147 -4.02 14.66 -21.05
CA ALA B 147 -4.65 14.85 -22.35
C ALA B 147 -5.91 13.96 -22.42
N GLN B 148 -6.05 13.15 -23.45
CA GLN B 148 -7.19 12.25 -23.55
C GLN B 148 -6.95 10.96 -22.76
N PRO B 149 -8.00 10.22 -22.39
CA PRO B 149 -7.80 9.00 -21.61
C PRO B 149 -6.84 8.01 -22.28
N PRO B 150 -5.80 7.61 -21.57
CA PRO B 150 -4.86 6.73 -22.18
C PRO B 150 -5.36 5.32 -22.41
N ARG B 151 -4.87 4.68 -23.47
CA ARG B 151 -5.27 3.31 -23.78
C ARG B 151 -4.37 2.35 -23.00
N VAL B 152 -5.01 1.49 -22.23
CA VAL B 152 -4.30 0.55 -21.34
C VAL B 152 -4.61 -0.89 -21.74
N LEU B 153 -3.56 -1.65 -21.98
CA LEU B 153 -3.66 -3.08 -22.28
C LEU B 153 -3.37 -3.82 -21.00
N PHE B 154 -4.28 -4.62 -20.50
CA PHE B 154 -4.05 -5.45 -19.36
C PHE B 154 -3.71 -6.89 -19.77
N VAL B 155 -2.51 -7.34 -19.37
CA VAL B 155 -2.03 -8.68 -19.64
C VAL B 155 -2.22 -9.48 -18.38
N LEU B 156 -2.97 -10.57 -18.45
CA LEU B 156 -3.13 -11.47 -17.29
C LEU B 156 -1.97 -12.42 -17.16
N ASN B 157 -1.70 -13.07 -18.30
CA ASN B 157 -0.60 -14.05 -18.39
CA ASN B 157 -0.74 -14.17 -18.40
C ASN B 157 -0.19 -14.26 -19.83
N HIS B 158 0.72 -15.22 -20.05
CA HIS B 158 1.19 -15.62 -21.36
C HIS B 158 1.11 -17.12 -21.50
N THR B 159 0.83 -17.56 -22.74
CA THR B 159 1.13 -18.90 -23.19
C THR B 159 2.22 -18.75 -24.23
N GLY B 160 3.45 -19.05 -23.80
CA GLY B 160 4.62 -18.88 -24.65
C GLY B 160 4.72 -17.41 -24.97
N THR B 161 4.91 -17.11 -26.25
CA THR B 161 5.00 -15.74 -26.70
C THR B 161 3.64 -15.03 -26.80
N GLN B 162 2.52 -15.69 -26.46
CA GLN B 162 1.20 -15.08 -26.69
C GLN B 162 0.54 -14.58 -25.41
N ALA B 163 0.38 -13.27 -25.26
CA ALA B 163 -0.33 -12.72 -24.11
C ALA B 163 -1.83 -13.08 -24.12
N LEU B 164 -2.36 -13.31 -22.93
CA LEU B 164 -3.79 -13.41 -22.70
C LEU B 164 -4.24 -12.06 -22.07
N VAL B 165 -5.16 -11.39 -22.75
CA VAL B 165 -5.49 -10.00 -22.39
C VAL B 165 -6.97 -9.80 -22.10
N ALA B 166 -7.27 -8.78 -21.30
CA ALA B 166 -8.63 -8.54 -20.80
C ALA B 166 -9.43 -7.66 -21.74
N GLY B 167 -10.63 -8.15 -22.02
CA GLY B 167 -11.62 -7.33 -22.67
C GLY B 167 -12.63 -6.81 -21.65
N GLN B 168 -13.88 -6.76 -22.07
CA GLN B 168 -14.95 -6.24 -21.20
C GLN B 168 -15.46 -7.32 -20.23
N ARG B 169 -16.25 -6.87 -19.25
CA ARG B 169 -16.78 -7.75 -18.20
C ARG B 169 -15.68 -8.41 -17.39
N THR B 170 -14.56 -7.70 -17.26
CA THR B 170 -13.44 -8.17 -16.44
C THR B 170 -13.18 -7.18 -15.33
N ALA B 171 -12.53 -7.67 -14.28
CA ALA B 171 -12.09 -6.81 -13.19
C ALA B 171 -11.12 -5.73 -13.72
N ALA B 172 -10.25 -6.15 -14.62
CA ALA B 172 -9.25 -5.24 -15.15
C ALA B 172 -9.87 -4.08 -15.93
N ASP B 173 -10.86 -4.40 -16.77
CA ASP B 173 -11.55 -3.36 -17.52
C ASP B 173 -12.18 -2.37 -16.59
N ALA B 174 -12.85 -2.84 -15.53
CA ALA B 174 -13.52 -1.95 -14.56
C ALA B 174 -12.50 -1.03 -13.86
N MET B 175 -11.35 -1.59 -13.49
CA MET B 175 -10.30 -0.82 -12.81
C MET B 175 -9.70 0.22 -13.72
N ILE B 176 -9.42 -0.16 -14.97
CA ILE B 176 -8.91 0.78 -15.94
C ILE B 176 -9.85 1.99 -16.08
N ARG B 177 -11.14 1.69 -16.20
CA ARG B 177 -12.12 2.75 -16.33
C ARG B 177 -12.23 3.58 -15.07
N TYR B 178 -12.24 2.94 -13.90
CA TYR B 178 -12.38 3.71 -12.67
C TYR B 178 -11.21 4.67 -12.52
N ALA B 179 -10.03 4.27 -13.00
CA ALA B 179 -8.83 5.10 -12.94
C ALA B 179 -8.69 6.18 -13.99
N GLY B 180 -9.75 6.36 -14.80
CA GLY B 180 -9.77 7.42 -15.80
C GLY B 180 -9.09 7.09 -17.11
N ALA B 181 -8.94 5.80 -17.40
CA ALA B 181 -8.33 5.36 -18.63
C ALA B 181 -9.34 4.62 -19.48
N ARG B 182 -8.87 4.15 -20.63
CA ARG B 182 -9.63 3.37 -21.57
CA ARG B 182 -9.70 3.32 -21.48
C ARG B 182 -9.01 2.00 -21.78
N ASN B 183 -9.81 0.93 -21.84
CA ASN B 183 -9.28 -0.36 -22.19
C ASN B 183 -8.87 -0.37 -23.68
N ALA B 184 -7.61 -0.58 -23.96
CA ALA B 184 -7.11 -0.62 -25.33
C ALA B 184 -7.77 -1.78 -26.11
N MET B 185 -8.18 -2.83 -25.41
CA MET B 185 -8.92 -3.96 -26.03
C MET B 185 -10.43 -3.77 -25.97
N GLN B 186 -11.07 -3.83 -27.14
CA GLN B 186 -12.49 -3.60 -27.24
C GLN B 186 -13.15 -4.67 -28.10
N GLY B 187 -14.42 -4.94 -27.84
CA GLY B 187 -15.23 -5.77 -28.74
C GLY B 187 -15.32 -7.24 -28.39
N PHE B 188 -14.87 -7.60 -27.20
CA PHE B 188 -15.06 -8.93 -26.68
C PHE B 188 -15.10 -8.88 -25.17
N ASP B 189 -15.65 -9.94 -24.58
CA ASP B 189 -15.69 -10.11 -23.12
C ASP B 189 -14.70 -11.15 -22.63
N HIS B 190 -14.32 -10.99 -21.37
CA HIS B 190 -13.43 -11.87 -20.66
C HIS B 190 -12.03 -11.80 -21.28
N TYR B 191 -11.29 -12.89 -21.19
CA TYR B 191 -9.87 -12.93 -21.55
C TYR B 191 -9.70 -13.67 -22.86
N LYS B 192 -8.84 -13.15 -23.72
CA LYS B 192 -8.63 -13.75 -25.04
C LYS B 192 -7.14 -13.69 -25.38
N PRO B 193 -6.63 -14.66 -26.17
CA PRO B 193 -5.25 -14.57 -26.57
C PRO B 193 -5.06 -13.42 -27.53
N LEU B 194 -3.98 -12.70 -27.34
CA LEU B 194 -3.69 -11.52 -28.12
C LEU B 194 -3.00 -11.91 -29.40
N THR B 195 -3.62 -11.55 -30.53
CA THR B 195 -2.96 -11.60 -31.84
C THR B 195 -2.13 -10.34 -32.08
N THR B 196 -1.11 -10.46 -32.93
CA THR B 196 -0.30 -9.30 -33.32
C THR B 196 -1.17 -8.27 -34.05
N GLU B 197 -2.19 -8.73 -34.79
CA GLU B 197 -3.10 -7.83 -35.48
C GLU B 197 -3.95 -7.03 -34.49
N ALA B 198 -4.51 -7.73 -33.50
CA ALA B 198 -5.36 -7.08 -32.51
C ALA B 198 -4.53 -6.11 -31.68
N LEU B 199 -3.28 -6.46 -31.40
CA LEU B 199 -2.37 -5.58 -30.64
C LEU B 199 -2.03 -4.30 -31.40
N ALA B 200 -1.69 -4.42 -32.68
CA ALA B 200 -1.41 -3.22 -33.47
C ALA B 200 -2.60 -2.29 -33.53
N ALA B 201 -3.80 -2.82 -33.72
CA ALA B 201 -5.01 -2.00 -33.76
C ALA B 201 -5.36 -1.38 -32.43
N ALA B 202 -5.05 -2.12 -31.36
CA ALA B 202 -5.32 -1.63 -29.98
C ALA B 202 -4.45 -0.43 -29.59
N ALA B 203 -3.23 -0.41 -30.12
CA ALA B 203 -2.34 0.73 -29.95
C ALA B 203 -2.29 1.19 -28.47
N PRO B 204 -1.93 0.27 -27.57
CA PRO B 204 -1.86 0.70 -26.18
C PRO B 204 -0.79 1.72 -25.90
N ASP B 205 -1.11 2.63 -24.98
CA ASP B 205 -0.18 3.61 -24.46
C ASP B 205 0.58 3.10 -23.23
N VAL B 206 -0.06 2.21 -22.47
CA VAL B 206 0.54 1.59 -21.27
C VAL B 206 0.18 0.10 -21.29
N VAL B 207 1.13 -0.74 -20.84
CA VAL B 207 0.87 -2.12 -20.53
C VAL B 207 0.75 -2.26 -19.03
N LEU B 208 -0.38 -2.76 -18.58
CA LEU B 208 -0.64 -3.03 -17.20
C LEU B 208 -0.61 -4.53 -16.96
N ILE B 209 0.01 -4.97 -15.86
CA ILE B 209 0.19 -6.40 -15.62
C ILE B 209 0.27 -6.61 -14.13
N SER B 210 -0.09 -7.79 -13.64
CA SER B 210 0.16 -8.04 -12.23
C SER B 210 1.61 -8.38 -11.93
N ASP B 211 2.02 -8.21 -10.67
CA ASP B 211 3.35 -8.59 -10.25
C ASP B 211 3.55 -10.03 -10.69
N GLU B 212 2.52 -10.85 -10.43
CA GLU B 212 2.62 -12.31 -10.72
C GLU B 212 2.79 -12.61 -12.19
N GLY B 213 2.03 -11.91 -13.03
CA GLY B 213 2.13 -12.09 -14.46
C GLY B 213 3.45 -11.64 -15.00
N LEU B 214 3.95 -10.54 -14.46
CA LEU B 214 5.25 -10.00 -14.87
C LEU B 214 6.38 -10.98 -14.50
N ALA B 215 6.33 -11.54 -13.31
CA ALA B 215 7.32 -12.53 -12.91
C ALA B 215 7.25 -13.73 -13.83
N ALA B 216 6.06 -14.17 -14.18
CA ALA B 216 5.87 -15.41 -14.96
C ALA B 216 6.50 -15.29 -16.34
N VAL B 217 6.34 -14.14 -16.97
CA VAL B 217 6.93 -13.93 -18.28
C VAL B 217 8.44 -13.65 -18.21
N GLY B 218 9.02 -13.37 -17.03
CA GLY B 218 10.45 -13.26 -16.88
C GLY B 218 10.91 -11.85 -16.59
N GLY B 219 9.97 -10.95 -16.31
CA GLY B 219 10.35 -9.58 -15.96
C GLY B 219 10.08 -8.54 -17.03
N HIS B 220 10.42 -7.28 -16.73
CA HIS B 220 10.01 -6.15 -17.60
C HIS B 220 10.59 -6.25 -19.01
N ALA B 221 11.86 -6.59 -19.07
CA ALA B 221 12.52 -6.68 -20.35
C ALA B 221 11.95 -7.83 -21.18
N ALA B 222 11.73 -8.97 -20.54
CA ALA B 222 11.16 -10.09 -21.24
C ALA B 222 9.78 -9.78 -21.75
N LEU B 223 8.95 -9.13 -20.91
CA LEU B 223 7.65 -8.72 -21.35
C LEU B 223 7.69 -7.88 -22.64
N LEU B 224 8.55 -6.85 -22.67
CA LEU B 224 8.56 -5.90 -23.77
C LEU B 224 9.18 -6.49 -25.00
N ALA B 225 9.94 -7.55 -24.80
CA ALA B 225 10.49 -8.31 -25.93
C ALA B 225 9.45 -9.27 -26.58
N THR B 226 8.20 -9.30 -26.08
CA THR B 226 7.13 -10.13 -26.65
C THR B 226 6.79 -9.70 -28.08
N PRO B 227 6.45 -10.66 -28.96
CA PRO B 227 6.14 -10.24 -30.35
C PRO B 227 5.03 -9.21 -30.49
N GLY B 228 5.32 -8.15 -31.26
CA GLY B 228 4.35 -7.11 -31.53
C GLY B 228 4.36 -5.98 -30.50
N PHE B 229 4.85 -6.26 -29.28
CA PHE B 229 4.76 -5.29 -28.18
C PHE B 229 5.60 -4.07 -28.50
N GLY B 230 6.84 -4.36 -28.92
CA GLY B 230 7.82 -3.33 -29.27
C GLY B 230 7.37 -2.21 -30.18
N ALA B 231 6.49 -2.49 -31.12
CA ALA B 231 6.06 -1.51 -32.13
C ALA B 231 4.89 -0.64 -31.66
N THR B 232 4.22 -1.01 -30.57
CA THR B 232 3.14 -0.15 -30.04
C THR B 232 3.69 1.11 -29.36
N PRO B 233 2.81 2.11 -29.13
CA PRO B 233 3.25 3.27 -28.39
C PRO B 233 3.82 2.88 -27.02
N ALA B 234 3.14 1.97 -26.31
CA ALA B 234 3.63 1.49 -25.03
C ALA B 234 4.96 0.78 -25.20
N GLY B 235 5.12 -0.01 -26.26
CA GLY B 235 6.41 -0.70 -26.49
C GLY B 235 7.58 0.25 -26.76
N ARG B 236 7.36 1.21 -27.65
CA ARG B 236 8.40 2.19 -27.99
C ARG B 236 8.87 3.03 -26.82
N ALA B 237 7.90 3.42 -25.98
CA ALA B 237 8.14 4.15 -24.75
C ALA B 237 8.47 3.22 -23.57
N ARG B 238 8.36 1.91 -23.77
CA ARG B 238 8.68 0.90 -22.74
C ARG B 238 7.89 1.21 -21.48
N ARG B 239 6.59 1.44 -21.65
CA ARG B 239 5.71 1.99 -20.60
C ARG B 239 4.88 0.86 -19.97
N VAL B 240 5.25 0.47 -18.78
CA VAL B 240 4.69 -0.67 -18.08
C VAL B 240 4.37 -0.24 -16.65
N VAL B 241 3.22 -0.69 -16.21
CA VAL B 241 2.83 -0.54 -14.79
C VAL B 241 2.46 -1.93 -14.29
N SER B 242 3.04 -2.29 -13.16
CA SER B 242 2.71 -3.52 -12.45
C SER B 242 2.08 -3.19 -11.10
N LEU B 243 1.18 -4.09 -10.64
CA LEU B 243 0.62 -4.06 -9.28
C LEU B 243 0.36 -5.47 -8.83
N ASP B 244 0.26 -5.66 -7.52
CA ASP B 244 -0.15 -6.94 -6.95
C ASP B 244 -1.54 -7.32 -7.48
N ALA B 245 -1.72 -8.58 -7.87
CA ALA B 245 -2.94 -9.03 -8.49
C ALA B 245 -4.17 -8.85 -7.60
N LEU B 246 -4.08 -9.32 -6.36
CA LEU B 246 -5.27 -9.27 -5.50
C LEU B 246 -5.66 -7.82 -5.18
N PHE B 247 -4.65 -7.01 -4.98
CA PHE B 247 -4.86 -5.60 -4.66
C PHE B 247 -5.54 -4.95 -5.87
N LEU B 248 -4.97 -5.14 -7.04
CA LEU B 248 -5.53 -4.48 -8.23
C LEU B 248 -6.90 -4.98 -8.58
N LEU B 249 -7.07 -6.28 -8.61
CA LEU B 249 -8.23 -6.92 -9.24
C LEU B 249 -9.30 -7.47 -8.32
N GLY B 250 -9.04 -7.50 -7.02
CA GLY B 250 -9.82 -8.28 -6.11
C GLY B 250 -11.23 -7.76 -5.79
N PHE B 251 -11.47 -6.46 -5.98
CA PHE B 251 -12.78 -5.89 -5.60
C PHE B 251 -13.20 -6.20 -4.16
N GLY B 252 -12.37 -5.67 -3.26
CA GLY B 252 -12.57 -5.81 -1.80
C GLY B 252 -12.52 -4.43 -1.16
N PRO B 253 -12.32 -4.43 0.15
CA PRO B 253 -12.38 -3.20 0.91
C PRO B 253 -11.30 -2.18 0.59
N ARG B 254 -10.26 -2.56 -0.17
CA ARG B 254 -9.21 -1.63 -0.58
C ARG B 254 -9.51 -1.01 -1.94
N LEU B 255 -10.72 -1.21 -2.50
CA LEU B 255 -11.03 -0.68 -3.83
C LEU B 255 -10.68 0.83 -3.99
N PRO B 256 -11.04 1.66 -3.02
CA PRO B 256 -10.70 3.05 -3.19
C PRO B 256 -9.23 3.30 -3.33
N LEU B 257 -8.42 2.66 -2.47
CA LEU B 257 -6.99 2.80 -2.60
C LEU B 257 -6.44 2.18 -3.90
N ALA B 258 -7.02 1.06 -4.32
CA ALA B 258 -6.62 0.45 -5.58
C ALA B 258 -6.84 1.35 -6.77
N VAL B 259 -8.00 2.01 -6.82
CA VAL B 259 -8.33 2.91 -7.89
C VAL B 259 -7.44 4.13 -7.84
N THR B 260 -7.25 4.68 -6.64
CA THR B 260 -6.38 5.82 -6.47
C THR B 260 -4.99 5.52 -6.91
N THR B 261 -4.49 4.38 -6.48
CA THR B 261 -3.14 3.90 -6.81
C THR B 261 -2.93 3.71 -8.31
N LEU B 262 -3.85 2.97 -8.95
CA LEU B 262 -3.76 2.78 -10.39
C LEU B 262 -3.70 4.16 -11.11
N HIS B 263 -4.58 5.08 -10.72
CA HIS B 263 -4.59 6.43 -11.33
C HIS B 263 -3.21 7.13 -11.15
N ARG B 264 -2.64 7.06 -9.96
CA ARG B 264 -1.33 7.62 -9.70
C ARG B 264 -0.20 6.93 -10.51
N ARG B 265 -0.23 5.62 -10.58
CA ARG B 265 0.75 4.88 -11.35
C ARG B 265 0.71 5.24 -12.85
N LEU B 266 -0.51 5.33 -13.39
CA LEU B 266 -0.68 5.69 -14.79
C LEU B 266 -0.18 7.10 -14.99
N SER B 267 -0.48 8.00 -14.06
CA SER B 267 -0.05 9.38 -14.14
C SER B 267 1.47 9.50 -14.12
N ASP B 268 2.15 8.70 -13.30
CA ASP B 268 3.61 8.76 -13.27
C ASP B 268 4.14 8.21 -14.60
N ALA B 269 3.53 7.13 -15.09
CA ALA B 269 4.00 6.48 -16.33
C ALA B 269 3.89 7.38 -17.54
N LEU B 270 2.90 8.25 -17.56
CA LEU B 270 2.63 9.11 -18.69
C LEU B 270 3.12 10.54 -18.48
N ALA B 271 4.05 10.71 -17.56
CA ALA B 271 4.68 12.01 -17.30
C ALA B 271 5.16 12.62 -18.61
#